data_3CX4
#
_entry.id   3CX4
#
_cell.length_a   126.324
_cell.length_b   126.324
_cell.length_c   152.334
_cell.angle_alpha   90.000
_cell.angle_beta   90.000
_cell.angle_gamma   90.000
#
_symmetry.space_group_name_H-M   'I 41'
#
loop_
_entity.id
_entity.type
_entity.pdbx_description
1 polymer 'Glycogen synthase'
2 branched alpha-D-glucopyranose-(1-4)-alpha-D-glucopyranose-(1-4)-alpha-D-glucopyranose
3 branched alpha-D-glucopyranose-(1-4)-alpha-D-glucopyranose
4 branched alpha-D-glucopyranose-(1-4)-alpha-D-glucopyranose-(1-4)-alpha-D-glucopyranose-(1-4)-alpha-D-glucopyranose-(1-4)-alpha-D-glucopyranose
5 branched alpha-D-glucopyranose-(1-4)-alpha-D-glucopyranose-(1-4)-alpha-D-glucopyranose-(1-4)-alpha-D-glucopyranose-(1-4)-alpha-D-glucopyranose-(1-4)-beta-D-glucopyranose
6 non-polymer 'SODIUM ION'
7 non-polymer "ADENOSINE-5'-DIPHOSPHATE"
8 non-polymer '(2R)-2-hydroxy-3-[4-(2-hydroxyethyl)piperazin-1-yl]propane-1-sulfonic acid'
9 non-polymer 2-{2-[2-2-(METHOXY-ETHOXY)-ETHOXY]-ETHOXY}-ETHANOL
10 water water
#
_entity_poly.entity_id   1
_entity_poly.type   'polypeptide(L)'
_entity_poly.pdbx_seq_one_letter_code
;MQVLHVCSEMFPLLKTGGLADVIGALPAAQIADGVDARVLLPAFPDIRRGVTDAQVVSRRDTFAGHITLLFGHYNGVGIY
LIDAPHLYDRPGSPYHDTNLFAYTDNVLRFALLGWVGAEMASGLDPFWRPDVVHAHDWHAGLAPAYLAARGRPAKSVFTV
HNLAYQGMFYAHHMNDIQLPWSFFNIHGLEFNGQISFLKAGLYYADHITAVSPTYAREITEPQFAYGMEGLLQQRHREGR
LSGVLNGVDEKIWSPETDLLLASRYTRDTLEDKAENKRQLQIAMGLKVDDKVPLFAVVSRLTSQKGLDLVLEALPGLLEQ
GGQLALLGAGDPVLQEGFLAAAAEYPGQVGVQIGYHEAFSHRIMGGADVILVPSRFAPCGLTQLYGLKYGTLPLVRRTGG
LADTVSDCSLENLADGVASGFVFEDSNAWSLLRAIRRAFVLWSRPSLWRFVQRQAMAMDFSWQVAAKSYRELYYRLKLEH
HHHHH
;
_entity_poly.pdbx_strand_id   A
#
loop_
_chem_comp.id
_chem_comp.type
_chem_comp.name
_chem_comp.formula
250 non-polymer '(2R)-2-hydroxy-3-[4-(2-hydroxyethyl)piperazin-1-yl]propane-1-sulfonic acid' 'C9 H20 N2 O5 S'
ADP non-polymer ADENOSINE-5'-DIPHOSPHATE 'C10 H15 N5 O10 P2'
BGC D-saccharide, beta linking beta-D-glucopyranose 'C6 H12 O6'
ETE non-polymer 2-{2-[2-2-(METHOXY-ETHOXY)-ETHOXY]-ETHOXY}-ETHANOL 'C9 H20 O5'
GLC D-saccharide, alpha linking alpha-D-glucopyranose 'C6 H12 O6'
NA non-polymer 'SODIUM ION' 'Na 1'
#
# COMPACT_ATOMS: atom_id res chain seq x y z
N MET A 1 7.45 -5.24 -25.17
CA MET A 1 7.38 -4.10 -24.21
C MET A 1 8.08 -4.53 -22.93
N GLN A 2 9.19 -3.87 -22.60
CA GLN A 2 9.96 -4.21 -21.41
C GLN A 2 9.82 -3.10 -20.37
N VAL A 3 9.38 -3.47 -19.17
CA VAL A 3 9.18 -2.50 -18.08
C VAL A 3 10.02 -2.83 -16.83
N LEU A 4 10.68 -1.81 -16.31
CA LEU A 4 11.39 -1.93 -15.05
C LEU A 4 10.68 -1.12 -13.95
N HIS A 5 10.24 -1.82 -12.91
CA HIS A 5 9.69 -1.17 -11.72
C HIS A 5 10.81 -0.78 -10.78
N VAL A 6 10.79 0.46 -10.32
CA VAL A 6 11.82 0.97 -9.45
C VAL A 6 11.12 1.26 -8.15
N CYS A 7 11.57 0.64 -7.06
CA CYS A 7 10.84 0.73 -5.81
C CYS A 7 11.71 0.27 -4.64
N SER A 8 11.21 0.36 -3.43
CA SER A 8 12.01 -0.03 -2.27
C SER A 8 11.49 -1.16 -1.39
N GLU A 9 10.38 -1.79 -1.76
CA GLU A 9 9.98 -2.99 -1.03
C GLU A 9 9.25 -3.98 -1.91
N MET A 10 9.14 -5.21 -1.43
CA MET A 10 8.46 -6.26 -2.16
C MET A 10 8.15 -7.44 -1.28
N PHE A 11 6.87 -7.77 -1.22
CA PHE A 11 6.42 -8.94 -0.53
C PHE A 11 6.84 -10.18 -1.34
N PRO A 12 7.28 -11.28 -0.67
CA PRO A 12 7.40 -11.48 0.78
C PRO A 12 8.79 -11.13 1.36
N LEU A 13 9.70 -10.59 0.56
CA LEU A 13 11.06 -10.32 1.03
C LEU A 13 11.18 -9.19 2.05
N LEU A 14 10.57 -8.05 1.75
CA LEU A 14 10.57 -6.93 2.65
C LEU A 14 9.26 -6.14 2.48
N LYS A 15 8.60 -5.89 3.59
CA LYS A 15 7.28 -5.26 3.59
C LYS A 15 7.05 -4.38 4.81
N THR A 16 6.65 -3.13 4.59
CA THR A 16 6.21 -2.29 5.68
C THR A 16 4.73 -1.93 5.53
N GLY A 17 4.14 -2.22 4.38
CA GLY A 17 2.72 -1.90 4.11
C GLY A 17 2.28 -2.33 2.72
N GLY A 18 1.29 -1.64 2.17
CA GLY A 18 0.65 -2.07 0.92
C GLY A 18 1.51 -2.09 -0.32
N LEU A 19 2.47 -1.17 -0.37
CA LEU A 19 3.39 -1.03 -1.50
C LEU A 19 4.07 -2.36 -1.85
N ALA A 20 4.55 -3.03 -0.81
CA ALA A 20 5.23 -4.30 -0.97
C ALA A 20 4.32 -5.36 -1.59
N ASP A 21 3.05 -5.36 -1.18
CA ASP A 21 2.02 -6.25 -1.76
C ASP A 21 1.86 -6.03 -3.27
N VAL A 22 1.86 -4.76 -3.68
CA VAL A 22 1.78 -4.40 -5.10
C VAL A 22 2.98 -4.94 -5.87
N ILE A 23 4.17 -4.61 -5.38
CA ILE A 23 5.38 -4.95 -6.09
C ILE A 23 5.52 -6.46 -6.13
N GLY A 24 5.00 -7.14 -5.12
CA GLY A 24 5.06 -8.60 -5.07
C GLY A 24 4.13 -9.32 -6.03
N ALA A 25 3.18 -8.62 -6.64
CA ALA A 25 2.12 -9.29 -7.40
C ALA A 25 1.89 -8.72 -8.81
N LEU A 26 2.12 -7.44 -9.00
CA LEU A 26 1.89 -6.81 -10.29
C LEU A 26 2.80 -7.37 -11.39
N PRO A 27 4.11 -7.42 -11.14
CA PRO A 27 4.99 -7.86 -12.26
C PRO A 27 4.58 -9.21 -12.86
N ALA A 28 4.29 -10.21 -12.03
CA ALA A 28 3.81 -11.51 -12.52
C ALA A 28 2.54 -11.38 -13.37
N ALA A 29 1.65 -10.49 -12.96
CA ALA A 29 0.44 -10.29 -13.71
C ALA A 29 0.77 -9.67 -15.07
N GLN A 30 1.69 -8.72 -15.08
CA GLN A 30 2.06 -8.08 -16.33
C GLN A 30 2.67 -9.08 -17.31
N ILE A 31 3.48 -9.99 -16.77
CA ILE A 31 4.09 -11.00 -17.59
C ILE A 31 3.02 -11.92 -18.21
N ALA A 32 2.02 -12.28 -17.41
CA ALA A 32 0.92 -13.10 -17.93
C ALA A 32 0.19 -12.33 -19.04
N ASP A 33 0.08 -11.02 -18.88
CA ASP A 33 -0.66 -10.17 -19.82
C ASP A 33 0.21 -9.64 -20.96
N GLY A 34 1.45 -10.14 -21.04
CA GLY A 34 2.30 -9.91 -22.22
C GLY A 34 3.28 -8.75 -22.16
N VAL A 35 3.62 -8.28 -20.95
CA VAL A 35 4.68 -7.31 -20.77
C VAL A 35 5.85 -7.98 -20.04
N ASP A 36 7.06 -7.74 -20.51
CA ASP A 36 8.23 -8.27 -19.84
C ASP A 36 8.64 -7.32 -18.69
N ALA A 37 8.21 -7.66 -17.47
CA ALA A 37 8.40 -6.79 -16.31
C ALA A 37 9.50 -7.31 -15.38
N ARG A 38 10.40 -6.41 -15.01
CA ARG A 38 11.41 -6.70 -14.00
C ARG A 38 11.31 -5.66 -12.90
N VAL A 39 11.94 -5.95 -11.76
CA VAL A 39 11.90 -5.12 -10.56
C VAL A 39 13.31 -4.71 -10.15
N LEU A 40 13.50 -3.43 -9.82
CA LEU A 40 14.75 -2.95 -9.23
C LEU A 40 14.55 -2.53 -7.78
N LEU A 41 15.34 -3.13 -6.88
CA LEU A 41 15.28 -2.88 -5.43
C LEU A 41 16.68 -2.61 -4.87
N PRO A 42 16.78 -1.76 -3.83
CA PRO A 42 18.04 -1.76 -3.04
C PRO A 42 18.27 -3.15 -2.42
N ALA A 43 19.53 -3.57 -2.31
CA ALA A 43 19.84 -4.85 -1.68
C ALA A 43 19.81 -4.78 -0.15
N PHE A 44 18.66 -4.42 0.43
CA PHE A 44 18.45 -4.60 1.86
C PHE A 44 18.65 -6.09 2.23
N PRO A 45 19.12 -6.36 3.46
CA PRO A 45 19.50 -7.74 3.84
C PRO A 45 18.41 -8.77 3.61
N ASP A 46 17.16 -8.45 3.94
CA ASP A 46 16.06 -9.42 3.75
C ASP A 46 15.81 -9.72 2.27
N ILE A 47 16.06 -8.73 1.42
CA ILE A 47 15.89 -8.90 0.00
C ILE A 47 17.05 -9.72 -0.57
N ARG A 48 18.28 -9.35 -0.20
CA ARG A 48 19.46 -10.08 -0.68
C ARG A 48 19.39 -11.57 -0.29
N ARG A 49 18.95 -11.85 0.93
CA ARG A 49 18.75 -13.22 1.42
C ARG A 49 17.74 -14.06 0.63
N GLY A 50 16.70 -13.42 0.11
CA GLY A 50 15.63 -14.15 -0.53
C GLY A 50 15.92 -14.50 -1.96
N VAL A 51 16.83 -13.76 -2.59
CA VAL A 51 17.16 -14.00 -3.98
C VAL A 51 18.38 -14.91 -4.10
N THR A 52 18.16 -16.21 -4.21
CA THR A 52 19.31 -17.13 -4.09
C THR A 52 20.10 -17.42 -5.37
N ASP A 53 19.62 -16.96 -6.53
CA ASP A 53 20.34 -17.16 -7.77
C ASP A 53 20.96 -15.87 -8.31
N ALA A 54 21.15 -14.89 -7.45
CA ALA A 54 21.67 -13.58 -7.89
C ALA A 54 23.06 -13.66 -8.53
N GLN A 55 23.19 -13.10 -9.73
CA GLN A 55 24.49 -13.02 -10.42
C GLN A 55 24.93 -11.56 -10.58
N VAL A 56 26.23 -11.37 -10.76
CA VAL A 56 26.77 -10.05 -11.02
C VAL A 56 26.48 -9.57 -12.45
N VAL A 57 25.90 -8.38 -12.56
CA VAL A 57 25.71 -7.76 -13.87
C VAL A 57 26.76 -6.68 -14.13
N SER A 58 27.20 -5.97 -13.10
CA SER A 58 27.99 -4.77 -13.32
C SER A 58 28.45 -4.11 -12.03
N ARG A 59 29.61 -3.44 -12.07
CA ARG A 59 30.10 -2.58 -10.99
C ARG A 59 30.15 -1.17 -11.52
N ARG A 60 29.67 -0.21 -10.75
CA ARG A 60 29.78 1.16 -11.17
C ARG A 60 30.11 2.05 -9.99
N ASP A 61 30.81 3.15 -10.28
CA ASP A 61 31.00 4.22 -9.34
C ASP A 61 29.84 5.20 -9.59
N THR A 62 29.54 6.01 -8.59
CA THR A 62 28.31 6.76 -8.52
C THR A 62 28.50 7.91 -7.54
N PHE A 63 27.72 8.99 -7.67
CA PHE A 63 27.74 10.08 -6.68
C PHE A 63 27.62 9.59 -5.23
N ALA A 64 27.03 8.41 -5.04
CA ALA A 64 26.83 7.82 -3.72
C ALA A 64 27.84 6.72 -3.41
N GLY A 65 28.88 6.59 -4.24
CA GLY A 65 29.83 5.50 -4.08
C GLY A 65 29.55 4.30 -4.97
N HIS A 66 30.27 3.20 -4.74
CA HIS A 66 30.20 2.06 -5.65
C HIS A 66 28.98 1.19 -5.47
N ILE A 67 28.53 0.61 -6.58
CA ILE A 67 27.46 -0.39 -6.54
C ILE A 67 27.87 -1.63 -7.30
N THR A 68 27.38 -2.77 -6.83
CA THR A 68 27.34 -3.96 -7.65
C THR A 68 25.87 -4.18 -8.02
N LEU A 69 25.55 -4.09 -9.30
CA LEU A 69 24.23 -4.49 -9.79
C LEU A 69 24.14 -6.02 -9.86
N LEU A 70 23.21 -6.60 -9.10
CA LEU A 70 22.95 -8.03 -9.21
C LEU A 70 21.63 -8.30 -9.90
N PHE A 71 21.50 -9.49 -10.45
CA PHE A 71 20.22 -9.89 -11.04
C PHE A 71 19.93 -11.34 -10.76
N GLY A 72 18.70 -11.59 -10.30
CA GLY A 72 18.22 -12.94 -10.04
C GLY A 72 16.73 -13.01 -10.24
N HIS A 73 16.11 -14.02 -9.63
CA HIS A 73 14.68 -14.24 -9.78
C HIS A 73 14.04 -14.44 -8.44
N TYR A 74 12.82 -13.95 -8.32
CA TYR A 74 12.02 -14.34 -7.19
C TYR A 74 10.62 -14.66 -7.67
N ASN A 75 10.15 -15.88 -7.38
CA ASN A 75 8.80 -16.26 -7.77
C ASN A 75 8.56 -16.10 -9.27
N GLY A 76 9.55 -16.46 -10.07
CA GLY A 76 9.40 -16.29 -11.50
C GLY A 76 9.79 -14.92 -12.03
N VAL A 77 9.78 -13.88 -11.21
CA VAL A 77 10.08 -12.57 -11.77
C VAL A 77 11.54 -12.12 -11.63
N GLY A 78 12.03 -11.45 -12.67
CA GLY A 78 13.42 -10.99 -12.68
C GLY A 78 13.64 -9.80 -11.74
N ILE A 79 14.56 -9.98 -10.79
CA ILE A 79 14.84 -8.98 -9.77
C ILE A 79 16.27 -8.45 -9.86
N TYR A 80 16.42 -7.14 -10.06
CA TYR A 80 17.71 -6.47 -9.93
C TYR A 80 17.91 -5.97 -8.51
N LEU A 81 19.12 -6.14 -8.00
CA LEU A 81 19.44 -5.66 -6.67
C LEU A 81 20.59 -4.68 -6.72
N ILE A 82 20.42 -3.52 -6.05
CA ILE A 82 21.53 -2.59 -5.92
C ILE A 82 22.31 -2.93 -4.66
N ASP A 83 23.40 -3.66 -4.82
CA ASP A 83 24.24 -3.98 -3.67
C ASP A 83 25.28 -2.88 -3.42
N ALA A 84 25.06 -2.15 -2.33
CA ALA A 84 25.88 -1.02 -1.85
C ALA A 84 25.80 -1.07 -0.32
N PRO A 85 26.58 -1.99 0.29
CA PRO A 85 26.50 -2.28 1.73
C PRO A 85 26.56 -1.02 2.60
N HIS A 86 27.38 -0.05 2.19
CA HIS A 86 27.57 1.19 2.93
C HIS A 86 26.30 2.02 2.99
N LEU A 87 25.34 1.76 2.11
CA LEU A 87 24.04 2.45 2.17
C LEU A 87 22.89 1.56 2.66
N TYR A 88 22.89 0.30 2.24
CA TYR A 88 21.69 -0.54 2.34
C TYR A 88 21.84 -1.69 3.29
N ASP A 89 23.07 -2.02 3.68
CA ASP A 89 23.20 -3.17 4.56
C ASP A 89 22.93 -2.76 6.00
N ARG A 90 21.67 -2.47 6.30
CA ARG A 90 21.23 -2.31 7.68
C ARG A 90 19.87 -2.93 7.94
N PRO A 91 19.68 -3.43 9.17
CA PRO A 91 18.50 -4.22 9.52
C PRO A 91 17.28 -3.31 9.73
N GLY A 92 16.09 -3.86 9.59
CA GLY A 92 14.91 -3.10 9.92
C GLY A 92 14.30 -2.43 8.72
N SER A 93 13.73 -1.25 8.96
CA SER A 93 13.05 -0.46 7.94
C SER A 93 14.01 0.13 6.90
N PRO A 94 13.57 0.13 5.63
CA PRO A 94 14.35 0.78 4.59
C PRO A 94 14.47 2.27 4.80
N TYR A 95 13.59 2.84 5.62
CA TYR A 95 13.46 4.30 5.73
C TYR A 95 14.03 4.92 7.01
N HIS A 96 14.02 4.20 8.12
CA HIS A 96 14.41 4.85 9.36
C HIS A 96 15.02 3.85 10.31
N ASP A 97 15.71 4.36 11.33
CA ASP A 97 16.34 3.52 12.33
C ASP A 97 15.33 2.97 13.33
N THR A 98 15.84 2.27 14.33
CA THR A 98 14.99 1.66 15.38
C THR A 98 14.22 2.78 16.10
N ASN A 99 14.96 3.78 16.56
CA ASN A 99 14.39 4.94 17.24
C ASN A 99 13.37 5.70 16.38
N LEU A 100 13.12 5.21 15.16
CA LEU A 100 12.13 5.81 14.24
C LEU A 100 12.61 7.09 13.54
N PHE A 101 13.90 7.37 13.62
CA PHE A 101 14.45 8.52 12.91
C PHE A 101 14.89 8.18 11.49
N ALA A 102 14.44 8.98 10.54
CA ALA A 102 14.88 8.88 9.16
C ALA A 102 16.40 8.88 9.10
N TYR A 103 16.97 7.98 8.29
CA TYR A 103 18.41 7.96 8.12
C TYR A 103 18.85 9.28 7.53
N THR A 104 19.97 9.80 8.03
CA THR A 104 20.44 11.11 7.59
C THR A 104 21.00 11.09 6.20
N ASP A 105 21.37 9.89 5.73
CA ASP A 105 21.80 9.75 4.32
C ASP A 105 20.68 9.29 3.37
N ASN A 106 19.42 9.36 3.81
CA ASN A 106 18.30 8.99 2.93
C ASN A 106 18.34 9.60 1.54
N VAL A 107 18.79 10.85 1.45
CA VAL A 107 18.83 11.58 0.18
C VAL A 107 19.73 10.84 -0.80
N LEU A 108 20.83 10.30 -0.28
CA LEU A 108 21.77 9.55 -1.11
C LEU A 108 21.23 8.13 -1.40
N ARG A 109 20.70 7.50 -0.36
CA ARG A 109 20.22 6.14 -0.47
C ARG A 109 19.16 6.04 -1.58
N PHE A 110 18.25 6.99 -1.60
CA PHE A 110 17.15 6.96 -2.53
C PHE A 110 17.40 7.70 -3.83
N ALA A 111 18.27 8.71 -3.83
CA ALA A 111 18.73 9.27 -5.09
C ALA A 111 19.40 8.19 -5.92
N LEU A 112 20.20 7.34 -5.27
CA LEU A 112 20.88 6.25 -5.96
C LEU A 112 19.87 5.27 -6.62
N LEU A 113 18.81 4.91 -5.88
CA LEU A 113 17.78 4.03 -6.40
C LEU A 113 17.21 4.59 -7.72
N GLY A 114 16.81 5.87 -7.69
CA GLY A 114 16.40 6.58 -8.90
C GLY A 114 17.46 6.63 -10.01
N TRP A 115 18.73 6.74 -9.63
CA TRP A 115 19.80 6.88 -10.60
C TRP A 115 20.01 5.55 -11.34
N VAL A 116 20.03 4.46 -10.57
CA VAL A 116 20.17 3.15 -11.19
C VAL A 116 18.97 2.82 -12.11
N GLY A 117 17.77 3.18 -11.67
CA GLY A 117 16.58 2.98 -12.49
C GLY A 117 16.76 3.65 -13.82
N ALA A 118 17.18 4.91 -13.79
CA ALA A 118 17.44 5.65 -15.04
C ALA A 118 18.57 5.04 -15.84
N GLU A 119 19.64 4.66 -15.15
CA GLU A 119 20.82 4.14 -15.83
C GLU A 119 20.48 2.86 -16.57
N MET A 120 19.52 2.12 -16.03
CA MET A 120 19.08 0.88 -16.68
C MET A 120 18.58 1.12 -18.12
N ALA A 121 17.97 2.28 -18.35
CA ALA A 121 17.46 2.65 -19.66
C ALA A 121 18.58 2.92 -20.68
N SER A 122 19.80 3.10 -20.20
CA SER A 122 20.95 3.38 -21.05
C SER A 122 21.90 2.20 -21.14
N GLY A 123 21.46 1.01 -20.77
CA GLY A 123 22.29 -0.18 -20.99
C GLY A 123 23.17 -0.64 -19.83
N LEU A 124 22.86 -0.21 -18.61
CA LEU A 124 23.55 -0.73 -17.43
C LEU A 124 23.57 -2.26 -17.46
N ASP A 125 22.48 -2.88 -17.89
CA ASP A 125 22.50 -4.30 -18.18
C ASP A 125 22.66 -4.44 -19.71
N PRO A 126 23.83 -4.97 -20.15
CA PRO A 126 24.13 -5.17 -21.58
C PRO A 126 23.13 -6.08 -22.26
N PHE A 127 22.38 -6.85 -21.48
CA PHE A 127 21.48 -7.84 -22.06
C PHE A 127 20.02 -7.49 -22.02
N TRP A 128 19.66 -6.36 -21.40
CA TRP A 128 18.22 -6.02 -21.25
C TRP A 128 18.08 -4.57 -20.83
N ARG A 129 17.25 -3.86 -21.59
CA ARG A 129 16.99 -2.45 -21.37
CA ARG A 129 17.01 -2.46 -21.37
C ARG A 129 15.50 -2.27 -21.33
N PRO A 130 14.99 -1.49 -20.35
CA PRO A 130 13.55 -1.27 -20.33
C PRO A 130 13.12 -0.20 -21.34
N ASP A 131 11.91 -0.34 -21.89
CA ASP A 131 11.34 0.70 -22.74
C ASP A 131 10.63 1.70 -21.85
N VAL A 132 10.12 1.22 -20.73
CA VAL A 132 9.46 2.08 -19.77
C VAL A 132 10.06 1.85 -18.38
N VAL A 133 10.43 2.93 -17.71
CA VAL A 133 10.80 2.89 -16.31
C VAL A 133 9.61 3.31 -15.49
N HIS A 134 9.17 2.42 -14.61
CA HIS A 134 7.96 2.65 -13.82
C HIS A 134 8.33 2.84 -12.35
N ALA A 135 8.31 4.07 -11.89
CA ALA A 135 8.80 4.44 -10.55
C ALA A 135 7.67 4.51 -9.54
N HIS A 136 7.93 4.09 -8.30
CA HIS A 136 6.91 4.05 -7.27
C HIS A 136 7.21 4.88 -6.02
N ASP A 137 6.32 5.83 -5.74
CA ASP A 137 6.42 6.70 -4.57
C ASP A 137 7.70 7.53 -4.56
N TRP A 138 7.89 8.34 -3.52
CA TRP A 138 9.01 9.28 -3.48
C TRP A 138 10.36 8.59 -3.57
N HIS A 139 10.42 7.35 -3.08
CA HIS A 139 11.69 6.63 -2.99
C HIS A 139 12.37 6.56 -4.36
N ALA A 140 11.54 6.49 -5.42
CA ALA A 140 12.02 6.30 -6.79
C ALA A 140 11.77 7.55 -7.61
N GLY A 141 11.36 8.62 -6.92
CA GLY A 141 10.98 9.89 -7.54
C GLY A 141 12.03 10.54 -8.44
N LEU A 142 13.31 10.28 -8.18
CA LEU A 142 14.36 10.87 -9.05
C LEU A 142 14.57 10.14 -10.36
N ALA A 143 14.06 8.92 -10.47
CA ALA A 143 14.29 8.14 -11.70
C ALA A 143 13.86 8.94 -12.95
N PRO A 144 12.66 9.52 -12.94
CA PRO A 144 12.25 10.30 -14.10
C PRO A 144 13.09 11.57 -14.26
N ALA A 145 13.61 12.09 -13.15
CA ALA A 145 14.47 13.28 -13.26
C ALA A 145 15.80 12.93 -13.94
N TYR A 146 16.41 11.82 -13.53
CA TYR A 146 17.65 11.38 -14.20
C TYR A 146 17.39 11.11 -15.67
N LEU A 147 16.24 10.53 -15.97
CA LEU A 147 15.84 10.25 -17.35
C LEU A 147 15.74 11.53 -18.20
N ALA A 148 15.07 12.55 -17.65
CA ALA A 148 14.95 13.84 -18.31
C ALA A 148 16.34 14.45 -18.57
N ALA A 149 17.20 14.42 -17.53
CA ALA A 149 18.50 15.01 -17.63
C ALA A 149 19.36 14.32 -18.68
N ARG A 150 18.93 13.14 -19.13
CA ARG A 150 19.73 12.39 -20.09
C ARG A 150 19.06 12.28 -21.46
N GLY A 151 18.00 13.06 -21.65
CA GLY A 151 17.35 13.09 -22.95
C GLY A 151 16.38 11.94 -23.15
N ARG A 152 15.83 11.45 -22.04
CA ARG A 152 14.74 10.47 -22.06
C ARG A 152 14.99 9.24 -22.95
N PRO A 153 16.04 8.46 -22.63
CA PRO A 153 16.32 7.23 -23.37
C PRO A 153 15.23 6.17 -23.15
N ALA A 154 14.33 6.44 -22.20
CA ALA A 154 13.18 5.58 -21.98
C ALA A 154 12.03 6.44 -21.52
N LYS A 155 10.81 5.93 -21.67
CA LYS A 155 9.63 6.62 -21.18
C LYS A 155 9.48 6.28 -19.71
N SER A 156 8.73 7.10 -18.99
CA SER A 156 8.63 6.90 -17.58
C SER A 156 7.20 7.10 -17.09
N VAL A 157 6.81 6.27 -16.12
CA VAL A 157 5.52 6.39 -15.45
C VAL A 157 5.85 6.53 -13.98
N PHE A 158 5.18 7.45 -13.32
CA PHE A 158 5.37 7.58 -11.89
C PHE A 158 4.07 7.27 -11.20
N THR A 159 4.05 6.29 -10.31
CA THR A 159 2.80 6.10 -9.60
C THR A 159 2.87 6.46 -8.14
N VAL A 160 1.88 7.25 -7.71
CA VAL A 160 1.79 7.61 -6.33
C VAL A 160 0.96 6.60 -5.56
N HIS A 161 1.61 6.02 -4.54
CA HIS A 161 0.93 5.16 -3.60
C HIS A 161 0.54 5.98 -2.39
N ASN A 162 1.22 7.11 -2.22
CA ASN A 162 0.88 8.02 -1.14
C ASN A 162 1.42 9.43 -1.31
N LEU A 163 0.53 10.40 -1.41
CA LEU A 163 0.96 11.77 -1.64
C LEU A 163 1.41 12.47 -0.37
N ALA A 164 1.12 11.91 0.79
CA ALA A 164 1.54 12.57 2.04
C ALA A 164 3.05 12.51 2.32
N TYR A 165 3.75 11.59 1.68
CA TYR A 165 5.21 11.40 1.86
C TYR A 165 5.93 12.02 0.69
N GLN A 166 6.72 13.03 1.00
CA GLN A 166 7.15 13.94 -0.03
C GLN A 166 8.60 13.81 -0.43
N GLY A 167 9.40 13.13 0.40
CA GLY A 167 10.83 13.00 0.16
C GLY A 167 11.52 14.35 0.09
N MET A 168 11.35 15.14 1.15
CA MET A 168 11.94 16.47 1.28
C MET A 168 13.35 16.40 1.83
N PHE A 169 14.26 17.06 1.13
CA PHE A 169 15.63 17.22 1.58
C PHE A 169 16.11 18.65 1.29
N TYR A 170 16.97 19.17 2.16
CA TYR A 170 17.48 20.53 1.99
C TYR A 170 18.10 20.75 0.62
N ALA A 171 17.91 21.95 0.09
CA ALA A 171 18.40 22.29 -1.25
C ALA A 171 19.89 22.08 -1.51
N HIS A 172 20.71 22.18 -0.46
CA HIS A 172 22.16 22.10 -0.65
C HIS A 172 22.58 20.73 -1.20
N HIS A 173 21.72 19.74 -1.02
CA HIS A 173 21.96 18.40 -1.55
C HIS A 173 21.94 18.33 -3.07
N MET A 174 21.48 19.38 -3.74
CA MET A 174 21.62 19.44 -5.20
C MET A 174 23.06 19.17 -5.57
N ASN A 175 23.96 19.51 -4.63
CA ASN A 175 25.40 19.28 -4.73
C ASN A 175 25.81 17.79 -4.66
N ASP A 176 24.93 16.96 -4.12
CA ASP A 176 25.28 15.58 -3.81
C ASP A 176 24.70 14.56 -4.77
N ILE A 177 23.78 14.99 -5.65
CA ILE A 177 22.97 14.01 -6.39
C ILE A 177 23.13 14.01 -7.90
N GLN A 178 24.08 14.81 -8.40
CA GLN A 178 24.41 14.82 -9.83
C GLN A 178 23.26 15.11 -10.77
N LEU A 179 22.42 16.08 -10.41
CA LEU A 179 21.43 16.60 -11.36
C LEU A 179 21.77 18.06 -11.73
N PRO A 180 21.38 18.51 -12.93
CA PRO A 180 21.55 19.94 -13.25
C PRO A 180 20.95 20.82 -12.18
N TRP A 181 21.68 21.86 -11.79
CA TRP A 181 21.21 22.82 -10.80
CA TRP A 181 21.21 22.83 -10.80
C TRP A 181 19.96 23.55 -11.30
N SER A 182 19.80 23.63 -12.63
CA SER A 182 18.62 24.28 -13.16
C SER A 182 17.32 23.50 -12.88
N PHE A 183 17.45 22.22 -12.48
CA PHE A 183 16.28 21.40 -12.12
C PHE A 183 15.68 21.87 -10.79
N PHE A 184 16.46 22.62 -10.01
CA PHE A 184 15.94 23.15 -8.75
C PHE A 184 15.10 24.39 -9.02
N ASN A 185 13.80 24.18 -9.22
CA ASN A 185 12.93 25.19 -9.76
C ASN A 185 11.47 24.72 -9.65
N ILE A 186 10.56 25.61 -9.29
CA ILE A 186 9.12 25.29 -9.33
C ILE A 186 8.79 24.47 -10.60
N HIS A 187 9.40 24.83 -11.72
CA HIS A 187 9.32 24.02 -12.91
C HIS A 187 10.46 23.00 -12.88
N GLY A 188 10.31 22.02 -11.99
CA GLY A 188 11.38 21.08 -11.68
C GLY A 188 11.10 20.50 -10.31
N LEU A 189 12.14 20.12 -9.59
CA LEU A 189 11.98 19.32 -8.38
C LEU A 189 11.94 20.12 -7.09
N GLU A 190 11.91 21.45 -7.20
CA GLU A 190 11.88 22.28 -6.01
C GLU A 190 10.46 22.25 -5.46
N PHE A 191 10.33 22.38 -4.15
CA PHE A 191 9.01 22.42 -3.55
C PHE A 191 9.12 23.16 -2.23
N ASN A 192 8.58 24.39 -2.23
CA ASN A 192 8.64 25.28 -1.08
C ASN A 192 10.02 25.39 -0.46
N GLY A 193 11.03 25.63 -1.30
CA GLY A 193 12.38 25.86 -0.81
C GLY A 193 13.24 24.63 -0.56
N GLN A 194 12.67 23.43 -0.67
CA GLN A 194 13.49 22.22 -0.59
C GLN A 194 13.47 21.35 -1.84
N ILE A 195 14.29 20.30 -1.82
CA ILE A 195 14.17 19.26 -2.83
C ILE A 195 13.03 18.33 -2.41
N SER A 196 12.13 18.02 -3.35
CA SER A 196 11.12 16.97 -3.13
C SER A 196 11.24 15.85 -4.17
N PHE A 197 11.52 14.62 -3.72
CA PHE A 197 11.58 13.46 -4.63
C PHE A 197 10.20 13.13 -5.22
N LEU A 198 9.16 13.35 -4.43
CA LEU A 198 7.78 13.19 -4.90
C LEU A 198 7.51 14.16 -6.04
N LYS A 199 7.86 15.43 -5.81
CA LYS A 199 7.73 16.50 -6.81
C LYS A 199 8.48 16.12 -8.06
N ALA A 200 9.71 15.62 -7.89
CA ALA A 200 10.53 15.18 -9.03
C ALA A 200 9.81 14.11 -9.82
N GLY A 201 9.22 13.13 -9.12
CA GLY A 201 8.51 12.07 -9.81
C GLY A 201 7.33 12.64 -10.55
N LEU A 202 6.51 13.43 -9.86
CA LEU A 202 5.34 14.03 -10.46
C LEU A 202 5.67 14.94 -11.65
N TYR A 203 6.73 15.74 -11.52
CA TYR A 203 7.06 16.73 -12.53
C TYR A 203 7.64 16.12 -13.82
N TYR A 204 8.59 15.21 -13.64
CA TYR A 204 9.37 14.75 -14.80
C TYR A 204 8.79 13.56 -15.52
N ALA A 205 7.87 12.83 -14.90
CA ALA A 205 7.33 11.61 -15.54
C ALA A 205 6.55 11.94 -16.81
N ASP A 206 6.67 11.09 -17.84
CA ASP A 206 5.78 11.21 -18.98
C ASP A 206 4.31 11.09 -18.56
N HIS A 207 4.04 10.23 -17.58
CA HIS A 207 2.67 9.99 -17.13
C HIS A 207 2.65 9.65 -15.65
N ILE A 208 1.61 10.11 -14.96
CA ILE A 208 1.43 9.83 -13.54
C ILE A 208 0.19 8.95 -13.41
N THR A 209 0.26 7.94 -12.54
CA THR A 209 -0.94 7.25 -12.09
C THR A 209 -1.01 7.28 -10.58
N ALA A 210 -2.22 7.11 -10.06
CA ALA A 210 -2.47 6.92 -8.63
C ALA A 210 -3.19 5.57 -8.50
N VAL A 211 -3.17 5.02 -7.30
CA VAL A 211 -3.53 3.62 -7.12
C VAL A 211 -5.04 3.34 -7.02
N SER A 212 -5.84 4.39 -7.25
CA SER A 212 -7.28 4.26 -7.40
C SER A 212 -7.81 5.44 -8.23
N PRO A 213 -8.91 5.22 -8.96
CA PRO A 213 -9.54 6.29 -9.75
C PRO A 213 -9.96 7.50 -8.92
N THR A 214 -10.53 7.31 -7.73
CA THR A 214 -10.93 8.53 -7.01
C THR A 214 -9.78 9.27 -6.32
N TYR A 215 -8.72 8.55 -5.93
CA TYR A 215 -7.55 9.24 -5.41
C TYR A 215 -6.87 10.06 -6.52
N ALA A 216 -6.90 9.56 -7.75
CA ALA A 216 -6.40 10.37 -8.87
C ALA A 216 -7.19 11.69 -9.00
N ARG A 217 -8.49 11.67 -8.68
CA ARG A 217 -9.24 12.92 -8.70
C ARG A 217 -8.90 13.74 -7.46
N GLU A 218 -8.90 13.08 -6.31
CA GLU A 218 -8.67 13.76 -5.04
C GLU A 218 -7.37 14.56 -5.01
N ILE A 219 -6.29 14.03 -5.57
CA ILE A 219 -5.00 14.69 -5.45
C ILE A 219 -4.87 15.97 -6.31
N THR A 220 -5.90 16.29 -7.08
CA THR A 220 -5.99 17.59 -7.74
C THR A 220 -6.68 18.62 -6.81
N GLU A 221 -6.92 18.24 -5.55
CA GLU A 221 -7.56 19.12 -4.54
C GLU A 221 -6.64 19.40 -3.36
N PRO A 222 -6.64 20.66 -2.86
CA PRO A 222 -5.73 21.09 -1.79
C PRO A 222 -5.80 20.20 -0.55
N GLN A 223 -6.99 19.66 -0.28
CA GLN A 223 -7.19 18.82 0.89
C GLN A 223 -6.36 17.52 0.86
N PHE A 224 -6.06 17.03 -0.34
CA PHE A 224 -5.33 15.77 -0.49
C PHE A 224 -3.95 15.92 -1.11
N ALA A 225 -3.62 17.15 -1.55
CA ALA A 225 -2.40 17.38 -2.31
C ALA A 225 -1.31 18.06 -1.48
N TYR A 226 -1.69 18.59 -0.34
CA TYR A 226 -0.74 19.27 0.56
C TYR A 226 0.19 20.26 -0.14
N GLY A 227 -0.37 21.07 -1.04
CA GLY A 227 0.42 22.08 -1.73
C GLY A 227 0.80 21.71 -3.15
N MET A 228 0.55 20.47 -3.56
CA MET A 228 1.00 20.01 -4.89
C MET A 228 -0.06 20.11 -5.98
N GLU A 229 -1.27 20.52 -5.58
CA GLU A 229 -2.45 20.38 -6.43
C GLU A 229 -2.33 21.05 -7.78
N GLY A 230 -1.61 22.16 -7.84
CA GLY A 230 -1.42 22.89 -9.09
C GLY A 230 -0.73 22.10 -10.17
N LEU A 231 0.26 21.30 -9.78
CA LEU A 231 0.95 20.43 -10.73
C LEU A 231 -0.02 19.38 -11.23
N LEU A 232 -0.74 18.78 -10.29
CA LEU A 232 -1.65 17.70 -10.62
C LEU A 232 -2.82 18.18 -11.48
N GLN A 233 -3.38 19.34 -11.16
CA GLN A 233 -4.39 19.97 -12.00
C GLN A 233 -3.87 20.19 -13.44
N GLN A 234 -2.65 20.69 -13.58
CA GLN A 234 -2.04 20.90 -14.89
C GLN A 234 -1.78 19.59 -15.64
N ARG A 235 -1.27 18.58 -14.95
CA ARG A 235 -1.05 17.27 -15.57
C ARG A 235 -2.37 16.59 -15.96
N HIS A 236 -3.40 16.78 -15.15
CA HIS A 236 -4.71 16.26 -15.52
C HIS A 236 -5.14 16.82 -16.89
N ARG A 237 -5.16 18.15 -17.00
CA ARG A 237 -5.45 18.83 -18.26
C ARG A 237 -4.62 18.33 -19.45
N GLU A 238 -3.37 17.93 -19.21
CA GLU A 238 -2.52 17.49 -20.31
C GLU A 238 -2.80 16.04 -20.68
N GLY A 239 -3.73 15.41 -19.96
CA GLY A 239 -4.01 13.98 -20.13
C GLY A 239 -2.90 13.07 -19.59
N ARG A 240 -2.23 13.52 -18.53
CA ARG A 240 -1.03 12.82 -18.04
C ARG A 240 -1.21 12.32 -16.61
N LEU A 241 -2.47 12.27 -16.19
CA LEU A 241 -2.83 11.75 -14.89
C LEU A 241 -3.98 10.76 -15.00
N SER A 242 -3.81 9.56 -14.44
CA SER A 242 -4.90 8.60 -14.44
C SER A 242 -4.81 7.68 -13.24
N GLY A 243 -5.90 6.95 -12.98
CA GLY A 243 -5.98 6.04 -11.85
C GLY A 243 -6.10 4.60 -12.32
N VAL A 244 -5.37 3.71 -11.67
CA VAL A 244 -5.50 2.29 -11.94
C VAL A 244 -5.56 1.61 -10.59
N LEU A 245 -6.72 1.01 -10.32
CA LEU A 245 -6.99 0.34 -9.07
C LEU A 245 -6.11 -0.91 -8.86
N ASN A 246 -5.57 -1.07 -7.64
CA ASN A 246 -4.79 -2.23 -7.26
C ASN A 246 -5.63 -3.52 -7.28
N GLY A 247 -4.98 -4.67 -7.42
CA GLY A 247 -5.63 -5.95 -7.22
C GLY A 247 -5.22 -6.59 -5.90
N VAL A 248 -5.70 -7.80 -5.63
CA VAL A 248 -5.16 -8.54 -4.49
C VAL A 248 -4.49 -9.81 -4.95
N ASP A 249 -3.41 -10.16 -4.27
CA ASP A 249 -2.67 -11.38 -4.59
C ASP A 249 -3.41 -12.59 -4.06
N GLU A 250 -4.05 -13.34 -4.98
CA GLU A 250 -4.83 -14.53 -4.63
C GLU A 250 -3.96 -15.70 -4.12
N LYS A 251 -2.66 -15.69 -4.38
CA LYS A 251 -1.82 -16.76 -3.86
C LYS A 251 -1.72 -16.60 -2.38
N ILE A 252 -1.87 -15.37 -1.89
CA ILE A 252 -1.64 -15.23 -0.51
C ILE A 252 -2.89 -14.82 0.28
N TRP A 253 -3.78 -14.02 -0.33
CA TRP A 253 -5.01 -13.59 0.34
C TRP A 253 -6.29 -14.22 -0.24
N SER A 254 -6.59 -15.45 0.18
CA SER A 254 -7.79 -16.19 -0.22
C SER A 254 -8.12 -17.14 0.90
N PRO A 255 -9.32 -17.03 1.51
CA PRO A 255 -9.65 -17.94 2.60
C PRO A 255 -9.81 -19.36 2.09
N GLU A 256 -9.95 -19.51 0.78
CA GLU A 256 -10.17 -20.81 0.18
C GLU A 256 -8.91 -21.68 0.28
N THR A 257 -7.75 -21.04 0.24
CA THR A 257 -6.50 -21.74 0.20
C THR A 257 -5.52 -21.29 1.28
N ASP A 258 -5.94 -20.36 2.13
CA ASP A 258 -5.05 -19.75 3.12
C ASP A 258 -4.55 -20.77 4.15
N LEU A 259 -3.29 -21.15 4.02
CA LEU A 259 -2.66 -22.11 4.92
C LEU A 259 -2.38 -21.57 6.33
N LEU A 260 -2.49 -20.26 6.54
CA LEU A 260 -2.28 -19.66 7.87
C LEU A 260 -3.53 -19.72 8.75
N LEU A 261 -4.63 -20.18 8.18
CA LEU A 261 -5.90 -20.19 8.88
C LEU A 261 -6.09 -21.51 9.63
N ALA A 262 -6.77 -21.46 10.77
CA ALA A 262 -7.17 -22.72 11.41
C ALA A 262 -8.04 -23.50 10.43
N SER A 263 -8.95 -22.78 9.78
CA SER A 263 -9.92 -23.40 8.90
C SER A 263 -10.09 -22.62 7.59
N ARG A 264 -9.88 -23.28 6.46
CA ARG A 264 -10.19 -22.67 5.18
C ARG A 264 -11.71 -22.66 4.92
N TYR A 265 -12.18 -21.74 4.09
CA TYR A 265 -13.60 -21.62 3.81
C TYR A 265 -13.87 -20.89 2.49
N THR A 266 -15.12 -20.93 2.05
CA THR A 266 -15.51 -20.37 0.77
C THR A 266 -16.78 -19.55 0.90
N ARG A 267 -17.10 -18.82 -0.17
CA ARG A 267 -18.33 -18.02 -0.26
C ARG A 267 -19.59 -18.87 0.00
N ASP A 268 -19.52 -20.16 -0.25
CA ASP A 268 -20.68 -21.04 -0.06
C ASP A 268 -20.53 -21.96 1.16
N THR A 269 -19.50 -21.76 1.97
CA THR A 269 -19.26 -22.58 3.15
C THR A 269 -18.80 -21.71 4.31
N LEU A 270 -19.44 -20.54 4.46
CA LEU A 270 -19.07 -19.59 5.50
C LEU A 270 -19.22 -20.13 6.91
N GLU A 271 -20.01 -21.19 7.09
CA GLU A 271 -20.03 -21.92 8.37
C GLU A 271 -18.63 -22.35 8.80
N ASP A 272 -17.77 -22.70 7.84
CA ASP A 272 -16.38 -23.03 8.13
C ASP A 272 -15.49 -21.87 8.61
N LYS A 273 -16.02 -20.65 8.65
CA LYS A 273 -15.27 -19.52 9.19
C LYS A 273 -15.29 -19.44 10.73
N ALA A 274 -16.30 -20.06 11.34
CA ALA A 274 -16.55 -19.94 12.80
C ALA A 274 -15.37 -20.38 13.70
N GLU A 275 -14.75 -21.50 13.33
CA GLU A 275 -13.57 -21.97 14.03
C GLU A 275 -12.45 -20.93 14.01
N ASN A 276 -12.33 -20.16 12.92
CA ASN A 276 -11.31 -19.09 12.94
C ASN A 276 -11.65 -18.03 13.99
N LYS A 277 -12.94 -17.76 14.16
CA LYS A 277 -13.38 -16.71 15.08
C LYS A 277 -13.09 -17.15 16.52
N ARG A 278 -13.43 -18.40 16.83
CA ARG A 278 -13.20 -18.98 18.14
C ARG A 278 -11.72 -18.93 18.50
N GLN A 279 -10.85 -19.40 17.61
CA GLN A 279 -9.42 -19.36 17.88
C GLN A 279 -8.86 -17.95 17.93
N LEU A 280 -9.48 -17.02 17.20
CA LEU A 280 -9.07 -15.62 17.31
C LEU A 280 -9.43 -15.06 18.69
N GLN A 281 -10.62 -15.41 19.17
CA GLN A 281 -11.07 -14.97 20.50
C GLN A 281 -10.13 -15.51 21.57
N ILE A 282 -9.92 -16.82 21.56
CA ILE A 282 -8.94 -17.44 22.44
C ILE A 282 -7.56 -16.78 22.32
N ALA A 283 -7.08 -16.57 21.11
CA ALA A 283 -5.74 -16.00 20.97
C ALA A 283 -5.58 -14.60 21.59
N MET A 284 -6.65 -13.80 21.52
CA MET A 284 -6.59 -12.41 21.97
C MET A 284 -7.00 -12.28 23.43
N GLY A 285 -7.58 -13.36 23.96
CA GLY A 285 -8.10 -13.34 25.32
C GLY A 285 -9.45 -12.67 25.39
N LEU A 286 -10.28 -12.89 24.38
CA LEU A 286 -11.62 -12.32 24.39
C LEU A 286 -12.57 -13.40 24.86
N LYS A 287 -13.73 -13.01 25.37
CA LYS A 287 -14.73 -14.00 25.70
C LYS A 287 -15.06 -14.78 24.44
N VAL A 288 -14.97 -16.11 24.51
CA VAL A 288 -15.39 -16.93 23.40
C VAL A 288 -16.91 -16.87 23.31
N ASP A 289 -17.40 -16.22 22.26
CA ASP A 289 -18.84 -15.99 22.06
C ASP A 289 -19.14 -15.72 20.59
N ASP A 290 -20.02 -16.53 20.02
CA ASP A 290 -20.37 -16.38 18.60
C ASP A 290 -21.61 -15.49 18.36
N LYS A 291 -22.22 -14.97 19.42
CA LYS A 291 -23.42 -14.16 19.27
C LYS A 291 -23.04 -12.70 19.10
N VAL A 292 -21.76 -12.44 19.21
CA VAL A 292 -21.25 -11.10 19.36
C VAL A 292 -20.37 -10.76 18.15
N PRO A 293 -20.56 -9.54 17.58
CA PRO A 293 -19.73 -9.16 16.43
C PRO A 293 -18.30 -8.80 16.87
N LEU A 294 -17.32 -9.35 16.17
CA LEU A 294 -15.94 -9.02 16.44
C LEU A 294 -15.40 -8.06 15.36
N PHE A 295 -15.02 -6.86 15.80
CA PHE A 295 -14.49 -5.83 14.92
C PHE A 295 -12.98 -5.90 14.96
N ALA A 296 -12.33 -5.57 13.86
CA ALA A 296 -10.90 -5.78 13.79
C ALA A 296 -10.17 -4.62 13.18
N VAL A 297 -8.93 -4.44 13.63
CA VAL A 297 -8.02 -3.49 13.00
C VAL A 297 -6.72 -4.20 12.68
N VAL A 298 -6.25 -4.06 11.45
CA VAL A 298 -4.89 -4.42 11.07
C VAL A 298 -4.33 -3.23 10.30
N SER A 299 -3.52 -2.41 10.96
CA SER A 299 -3.20 -1.10 10.41
C SER A 299 -1.92 -0.49 10.96
N ARG A 300 -1.10 0.11 10.07
CA ARG A 300 -0.04 1.01 10.53
C ARG A 300 -0.73 2.08 11.36
N LEU A 301 -0.19 2.41 12.52
CA LEU A 301 -0.75 3.49 13.29
C LEU A 301 -0.06 4.83 12.93
N THR A 302 -0.67 5.56 11.99
CA THR A 302 -0.24 6.88 11.57
C THR A 302 -1.53 7.66 11.43
N SER A 303 -1.42 8.99 11.35
CA SER A 303 -2.59 9.91 11.35
C SER A 303 -3.62 9.61 10.25
N GLN A 304 -3.09 9.29 9.07
CA GLN A 304 -3.83 8.89 7.90
C GLN A 304 -5.00 7.93 8.19
N LYS A 305 -4.86 7.09 9.23
CA LYS A 305 -5.72 5.91 9.36
C LYS A 305 -6.96 6.11 10.20
N GLY A 306 -7.06 7.26 10.87
CA GLY A 306 -8.29 7.54 11.64
C GLY A 306 -8.52 6.66 12.85
N LEU A 307 -7.45 6.11 13.41
CA LEU A 307 -7.61 5.19 14.52
C LEU A 307 -7.88 5.88 15.87
N ASP A 308 -7.57 7.17 15.93
CA ASP A 308 -8.00 8.01 17.06
C ASP A 308 -9.53 7.98 17.17
N LEU A 309 -10.20 7.97 16.02
CA LEU A 309 -11.67 7.92 15.99
C LEU A 309 -12.17 6.61 16.56
N VAL A 310 -11.43 5.54 16.30
CA VAL A 310 -11.78 4.23 16.84
C VAL A 310 -11.69 4.24 18.37
N LEU A 311 -10.62 4.83 18.88
CA LEU A 311 -10.46 5.03 20.33
C LEU A 311 -11.63 5.81 20.94
N GLU A 312 -11.99 6.94 20.32
CA GLU A 312 -13.15 7.70 20.80
C GLU A 312 -14.46 6.92 20.75
N ALA A 313 -14.61 6.05 19.74
CA ALA A 313 -15.87 5.32 19.55
C ALA A 313 -15.93 4.03 20.33
N LEU A 314 -14.80 3.63 20.90
CA LEU A 314 -14.70 2.32 21.53
C LEU A 314 -15.78 2.04 22.59
N PRO A 315 -15.99 2.99 23.52
CA PRO A 315 -17.04 2.81 24.53
C PRO A 315 -18.40 2.53 23.90
N GLY A 316 -18.76 3.30 22.87
CA GLY A 316 -20.02 3.09 22.18
C GLY A 316 -20.12 1.71 21.58
N LEU A 317 -19.01 1.24 21.00
CA LEU A 317 -18.99 -0.07 20.37
C LEU A 317 -19.17 -1.16 21.41
N LEU A 318 -18.42 -1.03 22.51
CA LEU A 318 -18.48 -1.99 23.61
C LEU A 318 -19.85 -2.01 24.24
N GLU A 319 -20.43 -0.82 24.39
CA GLU A 319 -21.74 -0.69 25.02
C GLU A 319 -22.79 -1.43 24.22
N GLN A 320 -22.61 -1.51 22.90
CA GLN A 320 -23.59 -2.21 22.07
C GLN A 320 -23.37 -3.70 22.07
N GLY A 321 -22.22 -4.12 22.56
CA GLY A 321 -21.95 -5.52 22.75
C GLY A 321 -20.88 -6.08 21.84
N GLY A 322 -20.08 -5.22 21.22
CA GLY A 322 -19.07 -5.69 20.28
C GLY A 322 -17.73 -5.99 20.93
N GLN A 323 -16.91 -6.83 20.28
CA GLN A 323 -15.53 -6.99 20.70
C GLN A 323 -14.63 -6.25 19.74
N LEU A 324 -13.41 -5.96 20.17
CA LEU A 324 -12.42 -5.41 19.26
C LEU A 324 -11.12 -6.21 19.32
N ALA A 325 -10.58 -6.55 18.14
CA ALA A 325 -9.26 -7.17 18.04
C ALA A 325 -8.34 -6.29 17.19
N LEU A 326 -7.24 -5.82 17.78
CA LEU A 326 -6.40 -4.89 17.07
C LEU A 326 -4.97 -5.39 16.93
N LEU A 327 -4.42 -5.26 15.74
CA LEU A 327 -3.01 -5.46 15.49
C LEU A 327 -2.47 -4.25 14.74
N GLY A 328 -1.39 -3.66 15.26
CA GLY A 328 -0.75 -2.52 14.60
C GLY A 328 0.47 -1.96 15.31
N ALA A 329 1.31 -1.25 14.54
CA ALA A 329 2.50 -0.58 15.06
C ALA A 329 2.69 0.80 14.44
N GLY A 330 3.04 1.78 15.26
CA GLY A 330 3.40 3.12 14.75
C GLY A 330 3.61 4.17 15.84
N ASP A 331 2.59 5.00 16.03
CA ASP A 331 2.62 6.07 17.00
C ASP A 331 2.37 5.53 18.40
N PRO A 332 3.30 5.83 19.34
CA PRO A 332 3.19 5.41 20.75
C PRO A 332 1.96 6.01 21.43
N VAL A 333 1.58 7.20 21.01
CA VAL A 333 0.36 7.81 21.49
C VAL A 333 -0.81 6.85 21.22
N LEU A 334 -0.85 6.33 19.98
CA LEU A 334 -1.88 5.37 19.58
C LEU A 334 -1.68 4.06 20.31
N GLN A 335 -0.46 3.53 20.20
CA GLN A 335 -0.08 2.28 20.87
C GLN A 335 -0.50 2.26 22.35
N GLU A 336 -0.11 3.29 23.08
CA GLU A 336 -0.47 3.40 24.49
C GLU A 336 -1.98 3.50 24.67
N GLY A 337 -2.61 4.29 23.81
CA GLY A 337 -4.07 4.41 23.78
C GLY A 337 -4.76 3.06 23.76
N PHE A 338 -4.39 2.21 22.80
CA PHE A 338 -5.03 0.91 22.66
C PHE A 338 -4.66 -0.11 23.74
N LEU A 339 -3.38 -0.15 24.12
CA LEU A 339 -2.94 -1.00 25.25
C LEU A 339 -3.76 -0.68 26.50
N ALA A 340 -3.94 0.61 26.76
CA ALA A 340 -4.75 1.07 27.90
C ALA A 340 -6.15 0.48 27.84
N ALA A 341 -6.77 0.56 26.65
CA ALA A 341 -8.12 0.06 26.42
C ALA A 341 -8.27 -1.45 26.63
N ALA A 342 -7.25 -2.20 26.23
CA ALA A 342 -7.24 -3.64 26.45
C ALA A 342 -7.13 -3.97 27.95
N ALA A 343 -6.31 -3.17 28.65
CA ALA A 343 -6.20 -3.27 30.11
C ALA A 343 -7.55 -2.94 30.77
N GLU A 344 -8.13 -1.82 30.35
CA GLU A 344 -9.42 -1.38 30.89
C GLU A 344 -10.56 -2.35 30.62
N TYR A 345 -10.59 -2.95 29.43
CA TYR A 345 -11.70 -3.84 29.07
C TYR A 345 -11.27 -5.26 28.69
N PRO A 346 -10.61 -5.97 29.60
CA PRO A 346 -10.17 -7.32 29.24
C PRO A 346 -11.36 -8.21 28.86
N GLY A 347 -11.15 -9.13 27.93
CA GLY A 347 -12.23 -9.99 27.46
C GLY A 347 -13.09 -9.34 26.38
N GLN A 348 -12.93 -8.02 26.19
CA GLN A 348 -13.69 -7.29 25.20
C GLN A 348 -12.77 -6.62 24.19
N VAL A 349 -11.61 -6.21 24.65
CA VAL A 349 -10.64 -5.55 23.80
C VAL A 349 -9.35 -6.35 23.82
N GLY A 350 -8.96 -6.89 22.66
CA GLY A 350 -7.69 -7.61 22.53
C GLY A 350 -6.78 -6.78 21.65
N VAL A 351 -5.54 -6.57 22.09
CA VAL A 351 -4.59 -5.71 21.37
C VAL A 351 -3.22 -6.38 21.24
N GLN A 352 -2.58 -6.18 20.11
CA GLN A 352 -1.24 -6.70 19.88
C GLN A 352 -0.45 -5.62 19.14
N ILE A 353 0.53 -5.05 19.82
CA ILE A 353 1.33 -4.00 19.21
C ILE A 353 2.53 -4.63 18.51
N GLY A 354 2.68 -4.30 17.22
CA GLY A 354 3.80 -4.84 16.45
C GLY A 354 3.39 -5.29 15.05
N TYR A 355 4.36 -5.76 14.28
CA TYR A 355 4.06 -6.21 12.95
C TYR A 355 4.05 -7.73 12.93
N HIS A 356 2.89 -8.34 12.70
CA HIS A 356 2.83 -9.79 12.61
CA HIS A 356 2.84 -9.81 12.59
C HIS A 356 2.08 -10.27 11.35
N GLU A 357 2.85 -10.68 10.33
CA GLU A 357 2.32 -11.02 9.03
C GLU A 357 1.30 -12.17 9.12
N ALA A 358 1.66 -13.23 9.84
CA ALA A 358 0.77 -14.40 9.92
C ALA A 358 -0.45 -14.13 10.78
N PHE A 359 -0.27 -13.39 11.87
CA PHE A 359 -1.40 -13.03 12.69
C PHE A 359 -2.48 -12.19 11.96
N SER A 360 -2.08 -11.32 11.04
CA SER A 360 -3.05 -10.52 10.28
C SER A 360 -4.00 -11.44 9.48
N HIS A 361 -3.49 -12.57 9.01
CA HIS A 361 -4.32 -13.53 8.34
C HIS A 361 -5.35 -14.13 9.26
N ARG A 362 -4.92 -14.50 10.45
CA ARG A 362 -5.81 -15.09 11.46
C ARG A 362 -6.87 -14.06 11.89
N ILE A 363 -6.50 -12.79 11.92
CA ILE A 363 -7.50 -11.78 12.22
C ILE A 363 -8.52 -11.66 11.06
N MET A 364 -8.00 -11.51 9.84
CA MET A 364 -8.83 -11.38 8.65
C MET A 364 -9.79 -12.56 8.56
N GLY A 365 -9.27 -13.76 8.82
CA GLY A 365 -10.07 -14.98 8.77
C GLY A 365 -11.06 -15.24 9.90
N GLY A 366 -10.99 -14.50 11.00
CA GLY A 366 -11.85 -14.78 12.15
C GLY A 366 -12.82 -13.66 12.51
N ALA A 367 -12.41 -12.43 12.23
CA ALA A 367 -13.24 -11.26 12.49
C ALA A 367 -14.47 -11.11 11.57
N ASP A 368 -15.48 -10.37 12.05
CA ASP A 368 -16.74 -10.16 11.35
C ASP A 368 -16.75 -8.86 10.57
N VAL A 369 -15.99 -7.88 11.05
CA VAL A 369 -15.92 -6.55 10.46
C VAL A 369 -14.48 -6.07 10.52
N ILE A 370 -13.97 -5.49 9.43
CA ILE A 370 -12.65 -4.86 9.45
C ILE A 370 -12.83 -3.34 9.37
N LEU A 371 -12.30 -2.63 10.37
CA LEU A 371 -12.49 -1.18 10.50
C LEU A 371 -11.40 -0.43 9.77
N VAL A 372 -11.79 0.36 8.77
CA VAL A 372 -10.83 1.17 8.01
C VAL A 372 -11.30 2.63 7.89
N PRO A 373 -11.27 3.38 9.01
CA PRO A 373 -11.79 4.74 9.11
C PRO A 373 -10.83 5.81 8.62
N SER A 374 -10.13 5.55 7.51
CA SER A 374 -9.03 6.40 7.06
C SER A 374 -9.42 7.83 6.75
N ARG A 375 -8.54 8.76 7.08
CA ARG A 375 -8.72 10.16 6.70
C ARG A 375 -8.43 10.35 5.22
N PHE A 376 -7.43 9.62 4.71
CA PHE A 376 -7.25 9.49 3.27
C PHE A 376 -6.76 8.08 2.94
N ALA A 377 -6.98 7.65 1.71
CA ALA A 377 -6.75 6.27 1.34
C ALA A 377 -6.43 6.18 -0.12
N PRO A 378 -5.14 6.29 -0.48
CA PRO A 378 -4.77 6.15 -1.90
C PRO A 378 -5.46 4.93 -2.55
N CYS A 379 -5.46 3.78 -1.87
CA CYS A 379 -6.23 2.65 -2.36
C CYS A 379 -6.81 1.93 -1.17
N GLY A 380 -5.92 1.31 -0.41
CA GLY A 380 -6.30 0.49 0.73
C GLY A 380 -6.35 -0.94 0.23
N LEU A 381 -5.70 -1.85 0.93
CA LEU A 381 -5.71 -3.24 0.55
C LEU A 381 -6.46 -4.03 1.61
N THR A 382 -6.32 -3.62 2.87
CA THR A 382 -6.92 -4.38 3.95
C THR A 382 -8.44 -4.50 3.78
N GLN A 383 -9.08 -3.46 3.22
CA GLN A 383 -10.52 -3.56 3.00
C GLN A 383 -10.82 -4.56 1.86
N LEU A 384 -9.95 -4.59 0.87
CA LEU A 384 -10.07 -5.56 -0.22
C LEU A 384 -9.93 -6.96 0.36
N TYR A 385 -9.00 -7.13 1.31
CA TYR A 385 -8.81 -8.42 1.99
C TYR A 385 -10.06 -8.79 2.79
N GLY A 386 -10.67 -7.81 3.47
CA GLY A 386 -11.90 -8.08 4.22
C GLY A 386 -13.00 -8.58 3.32
N LEU A 387 -13.21 -7.87 2.20
CA LEU A 387 -14.18 -8.32 1.21
C LEU A 387 -13.95 -9.80 0.81
N LYS A 388 -12.73 -10.13 0.40
CA LYS A 388 -12.42 -11.50 0.00
C LYS A 388 -12.67 -12.53 1.09
N TYR A 389 -12.44 -12.12 2.34
CA TYR A 389 -12.57 -13.02 3.46
C TYR A 389 -13.98 -13.02 4.08
N GLY A 390 -14.90 -12.21 3.51
CA GLY A 390 -16.26 -12.11 4.07
C GLY A 390 -16.23 -11.45 5.43
N THR A 391 -15.25 -10.57 5.61
CA THR A 391 -15.10 -9.78 6.82
C THR A 391 -15.48 -8.36 6.43
N LEU A 392 -16.73 -7.98 6.73
CA LEU A 392 -17.31 -6.75 6.16
C LEU A 392 -16.51 -5.52 6.52
N PRO A 393 -16.06 -4.77 5.52
CA PRO A 393 -15.30 -3.58 5.83
C PRO A 393 -16.20 -2.39 6.18
N LEU A 394 -15.83 -1.70 7.26
CA LEU A 394 -16.48 -0.47 7.66
C LEU A 394 -15.48 0.65 7.35
N VAL A 395 -15.81 1.48 6.38
CA VAL A 395 -14.84 2.43 5.87
C VAL A 395 -15.38 3.87 5.78
N ARG A 396 -14.47 4.82 5.77
CA ARG A 396 -14.81 6.19 5.39
C ARG A 396 -14.88 6.31 3.87
N ARG A 397 -15.86 7.05 3.35
CA ARG A 397 -15.96 7.23 1.90
C ARG A 397 -14.89 8.19 1.36
N THR A 398 -13.71 7.64 1.06
CA THR A 398 -12.58 8.44 0.58
C THR A 398 -11.60 7.58 -0.22
N GLY A 399 -10.98 8.15 -1.25
CA GLY A 399 -10.04 7.42 -2.08
C GLY A 399 -10.53 6.05 -2.49
N GLY A 400 -9.66 5.05 -2.40
CA GLY A 400 -9.96 3.74 -2.93
C GLY A 400 -11.01 3.02 -2.12
N LEU A 401 -11.18 3.42 -0.87
CA LEU A 401 -12.30 2.94 -0.07
C LEU A 401 -13.64 3.26 -0.73
N ALA A 402 -13.75 4.44 -1.32
CA ALA A 402 -14.94 4.89 -2.03
C ALA A 402 -15.12 4.13 -3.36
N ASP A 403 -14.02 3.69 -3.96
CA ASP A 403 -14.13 2.94 -5.20
C ASP A 403 -14.54 1.50 -4.98
N THR A 404 -14.38 0.98 -3.78
CA THR A 404 -14.37 -0.45 -3.65
C THR A 404 -15.40 -1.05 -2.72
N VAL A 405 -15.96 -0.24 -1.84
CA VAL A 405 -16.96 -0.72 -0.89
C VAL A 405 -18.35 -0.12 -1.16
N SER A 406 -19.41 -0.93 -1.11
CA SER A 406 -20.77 -0.41 -1.21
C SER A 406 -21.54 -0.55 0.08
N ASP A 407 -22.01 0.58 0.59
CA ASP A 407 -22.75 0.67 1.83
C ASP A 407 -24.00 -0.15 1.76
N CYS A 408 -24.44 -0.66 2.88
CA CYS A 408 -25.70 -1.39 2.95
CA CYS A 408 -25.69 -1.39 2.89
C CYS A 408 -26.85 -0.43 3.03
N SER A 409 -27.01 0.43 2.02
CA SER A 409 -28.14 1.29 1.90
C SER A 409 -29.28 0.45 1.34
N LEU A 410 -30.52 0.95 1.43
CA LEU A 410 -31.66 0.27 0.83
C LEU A 410 -31.52 0.00 -0.67
N GLU A 411 -31.02 0.96 -1.45
CA GLU A 411 -30.80 0.71 -2.90
C GLU A 411 -29.78 -0.40 -3.11
N ASN A 412 -28.68 -0.33 -2.39
CA ASN A 412 -27.59 -1.29 -2.61
C ASN A 412 -28.02 -2.70 -2.19
N LEU A 413 -28.84 -2.81 -1.15
CA LEU A 413 -29.32 -4.12 -0.74
C LEU A 413 -30.27 -4.64 -1.80
N ALA A 414 -31.15 -3.75 -2.27
CA ALA A 414 -32.17 -4.10 -3.26
C ALA A 414 -31.54 -4.45 -4.60
N ASP A 415 -30.46 -3.77 -4.98
CA ASP A 415 -29.78 -4.08 -6.24
C ASP A 415 -28.78 -5.25 -6.10
N GLY A 416 -28.63 -5.80 -4.90
CA GLY A 416 -27.69 -6.91 -4.64
C GLY A 416 -26.21 -6.51 -4.67
N VAL A 417 -25.92 -5.26 -4.33
CA VAL A 417 -24.61 -4.66 -4.54
C VAL A 417 -23.91 -4.26 -3.20
N ALA A 418 -24.68 -4.30 -2.11
CA ALA A 418 -24.15 -3.94 -0.79
C ALA A 418 -23.03 -4.89 -0.36
N SER A 419 -21.94 -4.34 0.15
CA SER A 419 -20.80 -5.18 0.52
C SER A 419 -20.12 -4.79 1.84
N GLY A 420 -20.56 -3.68 2.45
CA GLY A 420 -20.00 -3.21 3.72
C GLY A 420 -20.67 -1.95 4.27
N PHE A 421 -19.94 -1.22 5.13
CA PHE A 421 -20.53 -0.09 5.81
C PHE A 421 -19.69 1.14 5.53
N VAL A 422 -20.35 2.25 5.22
CA VAL A 422 -19.64 3.43 4.85
C VAL A 422 -20.12 4.61 5.69
N PHE A 423 -19.17 5.42 6.17
CA PHE A 423 -19.50 6.69 6.82
C PHE A 423 -18.75 7.82 6.12
N GLU A 424 -19.22 9.06 6.30
CA GLU A 424 -18.74 10.19 5.49
C GLU A 424 -17.67 11.05 6.15
N ASP A 425 -17.87 11.39 7.43
CA ASP A 425 -17.06 12.43 8.07
C ASP A 425 -16.07 11.86 9.06
N SER A 426 -14.90 12.48 9.11
CA SER A 426 -13.86 12.08 10.03
C SER A 426 -14.15 12.47 11.48
N ASN A 427 -15.21 11.94 12.06
CA ASN A 427 -15.44 12.14 13.49
C ASN A 427 -16.11 10.93 14.05
N ALA A 428 -16.05 10.79 15.37
CA ALA A 428 -16.49 9.58 16.03
C ALA A 428 -17.99 9.37 15.89
N TRP A 429 -18.75 10.46 15.79
CA TRP A 429 -20.20 10.34 15.71
C TRP A 429 -20.58 9.67 14.37
N SER A 430 -19.91 10.11 13.30
CA SER A 430 -20.06 9.53 11.98
C SER A 430 -19.68 8.03 12.01
N LEU A 431 -18.46 7.73 12.48
CA LEU A 431 -18.05 6.35 12.73
C LEU A 431 -19.12 5.54 13.46
N LEU A 432 -19.62 6.08 14.56
CA LEU A 432 -20.58 5.34 15.40
C LEU A 432 -21.89 5.01 14.71
N ARG A 433 -22.34 5.88 13.82
CA ARG A 433 -23.52 5.57 13.02
C ARG A 433 -23.32 4.32 12.12
N ALA A 434 -22.18 4.27 11.43
CA ALA A 434 -21.80 3.08 10.65
C ALA A 434 -21.73 1.84 11.55
N ILE A 435 -21.17 2.00 12.74
CA ILE A 435 -21.11 0.90 13.70
C ILE A 435 -22.51 0.41 14.11
N ARG A 436 -23.44 1.34 14.31
CA ARG A 436 -24.84 0.99 14.63
C ARG A 436 -25.44 0.20 13.48
N ARG A 437 -25.18 0.70 12.26
CA ARG A 437 -25.66 0.05 11.05
C ARG A 437 -25.19 -1.41 11.08
N ALA A 438 -23.94 -1.62 11.45
CA ALA A 438 -23.40 -2.97 11.53
C ALA A 438 -24.16 -3.82 12.56
N PHE A 439 -24.40 -3.24 13.74
CA PHE A 439 -25.21 -3.92 14.76
C PHE A 439 -26.62 -4.20 14.27
N VAL A 440 -27.23 -3.28 13.54
CA VAL A 440 -28.54 -3.59 12.94
C VAL A 440 -28.46 -4.76 11.94
N LEU A 441 -27.48 -4.73 11.04
CA LEU A 441 -27.33 -5.84 10.10
C LEU A 441 -27.05 -7.16 10.84
N TRP A 442 -26.29 -7.06 11.93
CA TRP A 442 -25.92 -8.27 12.67
C TRP A 442 -27.16 -8.97 13.27
N SER A 443 -28.20 -8.19 13.57
CA SER A 443 -29.45 -8.74 14.11
C SER A 443 -30.35 -9.34 13.04
N ARG A 444 -29.95 -9.28 11.77
CA ARG A 444 -30.66 -9.95 10.68
C ARG A 444 -29.69 -10.90 9.96
N PRO A 445 -29.40 -12.06 10.58
CA PRO A 445 -28.36 -12.99 10.11
C PRO A 445 -28.40 -13.36 8.61
N SER A 446 -29.58 -13.55 8.05
CA SER A 446 -29.65 -13.87 6.62
C SER A 446 -29.26 -12.68 5.74
N LEU A 447 -29.55 -11.46 6.20
CA LEU A 447 -29.11 -10.27 5.48
C LEU A 447 -27.61 -10.10 5.59
N TRP A 448 -27.07 -10.33 6.78
CA TRP A 448 -25.64 -10.32 6.96
C TRP A 448 -24.97 -11.30 5.99
N ARG A 449 -25.52 -12.52 5.89
CA ARG A 449 -24.93 -13.56 5.04
C ARG A 449 -25.01 -13.16 3.57
N PHE A 450 -26.12 -12.54 3.20
CA PHE A 450 -26.32 -12.01 1.86
C PHE A 450 -25.28 -10.94 1.51
N VAL A 451 -24.93 -10.10 2.49
CA VAL A 451 -23.88 -9.09 2.25
C VAL A 451 -22.46 -9.70 2.20
N GLN A 452 -22.19 -10.71 3.03
CA GLN A 452 -20.90 -11.42 2.98
C GLN A 452 -20.66 -12.05 1.62
N ARG A 453 -21.68 -12.74 1.11
CA ARG A 453 -21.56 -13.40 -0.17
C ARG A 453 -21.32 -12.40 -1.29
N GLN A 454 -21.91 -11.21 -1.18
CA GLN A 454 -21.68 -10.20 -2.20
C GLN A 454 -20.27 -9.57 -2.08
N ALA A 455 -19.85 -9.28 -0.84
CA ALA A 455 -18.47 -8.89 -0.57
C ALA A 455 -17.47 -9.90 -1.19
N MET A 456 -17.75 -11.19 -1.01
CA MET A 456 -16.83 -12.22 -1.50
C MET A 456 -16.94 -12.45 -3.02
N ALA A 457 -17.98 -11.90 -3.64
CA ALA A 457 -18.07 -11.93 -5.11
C ALA A 457 -17.25 -10.83 -5.78
N MET A 458 -16.85 -9.80 -5.02
CA MET A 458 -16.08 -8.71 -5.59
C MET A 458 -14.70 -9.22 -6.02
N ASP A 459 -14.26 -8.75 -7.20
CA ASP A 459 -13.02 -9.22 -7.80
C ASP A 459 -12.02 -8.10 -8.03
N PHE A 460 -10.80 -8.31 -7.56
CA PHE A 460 -9.74 -7.33 -7.74
C PHE A 460 -8.51 -8.04 -8.29
N SER A 461 -8.44 -8.01 -9.61
CA SER A 461 -7.51 -8.80 -10.34
C SER A 461 -6.30 -7.95 -10.75
N TRP A 462 -5.10 -8.45 -10.46
CA TRP A 462 -3.88 -7.82 -10.98
C TRP A 462 -3.72 -7.92 -12.50
N GLN A 463 -4.22 -9.00 -13.11
CA GLN A 463 -4.07 -9.17 -14.57
C GLN A 463 -4.99 -8.19 -15.29
N VAL A 464 -6.13 -7.92 -14.69
CA VAL A 464 -7.01 -6.84 -15.16
C VAL A 464 -6.33 -5.48 -15.04
N ALA A 465 -5.65 -5.25 -13.92
CA ALA A 465 -4.92 -4.00 -13.73
C ALA A 465 -3.74 -3.95 -14.73
N ALA A 466 -3.01 -5.05 -14.86
CA ALA A 466 -1.96 -5.15 -15.83
C ALA A 466 -2.41 -4.64 -17.21
N LYS A 467 -3.64 -4.99 -17.60
CA LYS A 467 -4.15 -4.58 -18.91
C LYS A 467 -4.24 -3.06 -19.03
N SER A 468 -4.62 -2.38 -17.95
CA SER A 468 -4.66 -0.94 -17.99
C SER A 468 -3.26 -0.35 -18.09
N TYR A 469 -2.32 -0.85 -17.28
CA TYR A 469 -0.96 -0.36 -17.36
C TYR A 469 -0.41 -0.57 -18.75
N ARG A 470 -0.73 -1.70 -19.36
CA ARG A 470 -0.20 -2.02 -20.69
C ARG A 470 -0.70 -1.01 -21.75
N GLU A 471 -2.00 -0.70 -21.70
CA GLU A 471 -2.58 0.29 -22.62
C GLU A 471 -1.83 1.62 -22.46
N LEU A 472 -1.57 1.96 -21.19
CA LEU A 472 -0.86 3.18 -20.85
C LEU A 472 0.55 3.15 -21.43
N TYR A 473 1.27 2.06 -21.23
CA TYR A 473 2.62 1.99 -21.70
C TYR A 473 2.70 2.18 -23.22
N TYR A 474 1.82 1.48 -23.94
CA TYR A 474 1.82 1.58 -25.40
C TYR A 474 1.39 2.96 -25.90
N ARG A 475 0.62 3.70 -25.11
CA ARG A 475 0.19 4.99 -25.59
C ARG A 475 1.19 6.11 -25.21
N LEU A 476 2.34 5.74 -24.68
CA LEU A 476 3.45 6.68 -24.52
C LEU A 476 4.42 6.45 -25.67
C1 GLC B . 7.63 8.54 10.54
C2 GLC B . 8.95 7.96 10.07
C3 GLC B . 8.94 7.85 8.54
C4 GLC B . 7.64 7.19 8.06
C5 GLC B . 6.43 7.87 8.68
C6 GLC B . 5.08 7.35 8.17
O1 GLC B . 7.61 9.82 9.95
O2 GLC B . 9.97 8.82 10.52
O3 GLC B . 10.10 7.17 8.12
O4 GLC B . 7.49 7.29 6.66
O5 GLC B . 6.54 7.77 10.08
O6 GLC B . 4.89 5.97 8.43
C1 GLC B . 8.30 6.25 6.08
C2 GLC B . 8.63 6.57 4.63
C3 GLC B . 7.40 6.24 3.77
C4 GLC B . 6.98 4.78 3.96
C5 GLC B . 6.78 4.45 5.45
C6 GLC B . 6.77 2.94 5.69
O2 GLC B . 9.06 7.93 4.60
O3 GLC B . 7.60 6.50 2.40
O4 GLC B . 5.78 4.54 3.28
O5 GLC B . 7.80 4.94 6.31
O6 GLC B . 5.45 2.55 5.99
C1 GLC B . 5.83 3.53 2.27
C2 GLC B . 5.10 4.01 1.00
C3 GLC B . 3.58 4.09 1.22
C4 GLC B . 3.15 2.70 1.63
C5 GLC B . 3.88 2.25 2.91
C6 GLC B . 3.45 0.83 3.28
O2 GLC B . 5.62 5.23 0.51
O3 GLC B . 2.89 4.33 0.02
O4 GLC B . 1.74 2.63 1.66
O5 GLC B . 5.30 2.29 2.68
O6 GLC B . 4.02 -0.14 2.39
C1 GLC C . 19.86 15.53 6.76
C2 GLC C . 19.42 16.05 5.40
C3 GLC C . 18.08 16.74 5.52
C4 GLC C . 17.04 15.81 6.12
C5 GLC C . 17.55 14.92 7.29
C6 GLC C . 16.71 13.63 7.46
O1 GLC C . 19.97 16.59 7.70
O2 GLC C . 20.37 16.95 4.88
O3 GLC C . 17.67 17.17 4.24
O4 GLC C . 15.98 16.63 6.55
O5 GLC C . 18.93 14.56 7.23
O6 GLC C . 16.85 12.71 6.38
C1 GLC C . 14.81 16.31 5.77
C2 GLC C . 14.04 17.59 5.44
C3 GLC C . 13.34 18.15 6.66
C4 GLC C . 12.48 17.06 7.30
C5 GLC C . 13.36 15.84 7.63
C6 GLC C . 12.56 14.71 8.27
O2 GLC C . 14.93 18.54 4.92
O3 GLC C . 12.54 19.25 6.27
O4 GLC C . 11.83 17.53 8.47
O5 GLC C . 13.98 15.36 6.43
O6 GLC C . 11.85 14.01 7.26
C1 GLC D . 18.92 -16.92 -25.54
C2 GLC D . 17.80 -15.91 -25.75
C3 GLC D . 17.81 -14.84 -24.65
C4 GLC D . 17.98 -15.46 -23.26
C5 GLC D . 19.03 -16.57 -23.24
C6 GLC D . 19.10 -17.31 -21.91
O1 GLC D . 20.17 -16.28 -25.61
O2 GLC D . 17.91 -15.30 -27.01
O3 GLC D . 16.60 -14.11 -24.69
O4 GLC D . 18.38 -14.42 -22.39
O5 GLC D . 18.75 -17.50 -24.27
O6 GLC D . 17.88 -17.98 -21.67
C1 GLC D . 17.38 -14.19 -21.37
C2 GLC D . 17.19 -12.68 -21.18
C3 GLC D . 18.40 -12.05 -20.48
C4 GLC D . 18.78 -12.84 -19.23
C5 GLC D . 18.92 -14.33 -19.57
C6 GLC D . 19.27 -15.20 -18.36
O2 GLC D . 16.97 -12.06 -22.43
O3 GLC D . 18.14 -10.70 -20.15
O4 GLC D . 20.00 -12.31 -18.78
O5 GLC D . 17.72 -14.82 -20.15
O6 GLC D . 18.34 -14.99 -17.31
C1 GLC D . 19.92 -11.88 -17.42
C2 GLC D . 20.55 -10.50 -17.27
C3 GLC D . 22.04 -10.57 -17.61
C4 GLC D . 22.72 -11.63 -16.77
C5 GLC D . 21.95 -12.93 -17.01
C6 GLC D . 22.59 -14.18 -16.40
O2 GLC D . 19.93 -9.57 -18.12
O3 GLC D . 22.68 -9.34 -17.47
O4 GLC D . 24.05 -11.75 -17.23
O5 GLC D . 20.61 -12.78 -16.59
O6 GLC D . 22.67 -14.04 -15.01
C1 GLC D . 25.04 -11.54 -16.20
C2 GLC D . 26.13 -10.62 -16.75
C3 GLC D . 26.86 -11.30 -17.92
C4 GLC D . 27.34 -12.69 -17.54
C5 GLC D . 26.17 -13.45 -16.93
C6 GLC D . 26.57 -14.88 -16.56
O2 GLC D . 25.56 -9.40 -17.18
O3 GLC D . 27.96 -10.55 -18.38
O4 GLC D . 27.76 -13.33 -18.73
O5 GLC D . 25.64 -12.76 -15.80
O6 GLC D . 27.14 -14.87 -15.27
C1 GLC D . 29.21 -13.31 -18.89
C2 GLC D . 29.58 -12.93 -20.31
C3 GLC D . 29.00 -13.96 -21.27
C4 GLC D . 29.56 -15.34 -20.89
C5 GLC D . 29.32 -15.62 -19.40
C6 GLC D . 29.95 -16.93 -18.95
O2 GLC D . 29.09 -11.64 -20.65
O3 GLC D . 29.26 -13.63 -22.62
O4 GLC D . 28.97 -16.33 -21.70
O5 GLC D . 29.81 -14.55 -18.61
O6 GLC D . 30.36 -16.82 -17.60
C2 BGC E . 1.94 29.57 -15.02
C3 BGC E . 3.34 30.14 -15.02
C4 BGC E . 3.81 30.43 -13.60
C5 BGC E . 3.25 29.49 -12.50
C6 BGC E . 2.95 30.29 -11.24
C1 BGC E . 2.01 28.33 -14.14
O1 BGC E . 0.88 27.54 -14.32
O2 BGC E . 1.55 29.26 -16.34
O3 BGC E . 3.33 31.33 -15.77
O4 BGC E . 5.22 30.38 -13.62
O5 BGC E . 2.06 28.81 -12.83
O6 BGC E . 3.04 29.47 -10.11
C1 GLC E . 5.79 31.70 -13.45
C2 GLC E . 7.29 31.60 -13.26
C3 GLC E . 7.63 31.10 -11.87
C4 GLC E . 6.99 32.00 -10.81
C5 GLC E . 5.50 32.06 -11.09
C6 GLC E . 4.81 33.00 -10.10
O2 GLC E . 7.85 30.74 -14.23
O3 GLC E . 9.01 31.05 -11.68
O4 GLC E . 7.16 31.41 -9.56
O5 GLC E . 5.22 32.47 -12.41
O6 GLC E . 5.47 34.24 -10.11
C1 GLC E . 7.74 32.28 -8.56
C2 GLC E . 8.92 31.56 -7.93
C3 GLC E . 8.46 30.31 -7.19
C4 GLC E . 7.31 30.58 -6.22
C5 GLC E . 6.26 31.42 -6.98
C6 GLC E . 5.04 31.80 -6.15
O2 GLC E . 9.81 31.21 -8.95
O3 GLC E . 9.55 29.70 -6.53
O4 GLC E . 6.76 29.33 -5.83
O5 GLC E . 6.83 32.58 -7.53
O6 GLC E . 5.52 32.39 -4.97
C1 GLC E . 6.71 29.06 -4.40
C2 GLC E . 7.49 27.78 -4.14
C3 GLC E . 6.90 26.58 -4.92
C4 GLC E . 5.37 26.47 -4.75
C5 GLC E . 4.74 27.88 -4.86
C6 GLC E . 3.22 27.86 -4.65
O2 GLC E . 8.82 27.96 -4.55
O3 GLC E . 7.55 25.36 -4.59
O4 GLC E . 4.88 25.68 -5.84
O5 GLC E . 5.37 28.82 -3.99
O6 GLC E . 2.98 27.48 -3.31
C1 GLC E . 4.22 24.44 -5.43
C2 GLC E . 4.68 23.30 -6.35
C3 GLC E . 4.19 23.59 -7.76
C4 GLC E . 2.67 23.70 -7.75
C5 GLC E . 2.26 24.77 -6.74
C6 GLC E . 0.72 24.83 -6.67
O2 GLC E . 6.08 23.11 -6.31
O3 GLC E . 4.62 22.61 -8.65
O4 GLC E . 2.06 23.92 -9.02
O5 GLC E . 2.80 24.49 -5.46
O6 GLC E . 0.23 23.65 -6.08
C1 GLC E . 2.63 25.02 -9.77
C2 GLC E . 1.56 25.64 -10.69
C3 GLC E . 1.22 24.74 -11.87
C4 GLC E . 2.49 24.34 -12.61
C5 GLC E . 3.47 23.76 -11.60
C6 GLC E . 4.75 23.31 -12.25
O2 GLC E . 0.37 25.82 -9.98
O3 GLC E . 0.39 25.46 -12.75
O4 GLC E . 2.17 23.35 -13.56
O5 GLC E . 3.75 24.69 -10.56
O6 GLC E . 5.57 22.86 -11.19
NA NA F . -1.52 -0.17 7.16
NA NA G . -1.62 3.29 -10.52
PB ADP H . -0.80 1.10 3.62
O1B ADP H . -1.13 2.56 3.70
O2B ADP H . 0.04 0.45 4.72
O3B ADP H . -0.13 0.83 2.20
PA ADP H . -2.79 -0.89 2.82
O1A ADP H . -2.81 -0.60 1.35
O2A ADP H . -4.09 -1.28 3.48
O3A ADP H . -2.25 0.37 3.65
O5' ADP H . -1.74 -2.08 3.10
C5' ADP H . -1.29 -2.43 4.41
C4' ADP H . -0.67 -3.83 4.33
O4' ADP H . 0.16 -4.01 5.46
C3' ADP H . -1.70 -4.94 4.43
O3' ADP H . -1.18 -6.13 3.82
C2' ADP H . -1.80 -5.16 5.92
O2' ADP H . -2.33 -6.45 6.28
C1' ADP H . -0.36 -5.00 6.33
N9 ADP H . -0.18 -4.59 7.74
C8 ADP H . -0.35 -3.34 8.22
N7 ADP H . -0.09 -3.34 9.55
C5 ADP H . 0.26 -4.60 9.89
C6 ADP H . 0.63 -5.21 11.09
N6 ADP H . 0.69 -4.46 12.21
N1 ADP H . 0.94 -6.54 11.10
C2 ADP H . 0.86 -7.27 9.98
N3 ADP H . 0.49 -6.72 8.82
C4 ADP H . 0.21 -5.39 8.73
O1 250 I . -4.09 13.36 6.79
S1 250 I . -3.18 13.29 7.96
O2 250 I . -4.01 13.10 9.17
O3 250 I . -2.25 12.15 7.82
C1 250 I . -2.29 14.70 8.10
C2 250 I . -1.57 15.12 6.81
O4 250 I . -1.40 14.00 5.94
C3 250 I . -0.21 15.71 7.17
N1 250 I . 0.68 15.64 6.01
C7 250 I . 0.43 16.42 4.80
C6 250 I . 1.78 16.53 4.10
N2 250 I . 2.81 16.75 5.12
C5 250 I . 3.05 15.73 6.14
C4 250 I . 1.86 14.79 6.04
C8 250 I . 3.63 17.96 5.12
C9 250 I . 2.87 19.00 5.94
O5 250 I . 2.01 19.75 5.08
OH2 ETE J . -27.23 -17.39 8.62
C12 ETE J . -26.29 -17.84 9.61
C22 ETE J . -25.05 -16.95 9.60
OH3 ETE J . -25.37 -15.61 9.21
C13 ETE J . -24.70 -14.43 11.17
C23 ETE J . -24.44 -14.66 9.69
OH4 ETE J . -24.72 -13.04 11.47
C14 ETE J . -24.86 -13.96 13.68
C24 ETE J . -25.23 -12.79 12.79
OH5 ETE J . -25.49 -13.83 14.95
C15 ETE J . -25.51 -16.14 15.56
C25 ETE J . -24.95 -14.77 15.88
OH6 ETE J . -24.42 -17.02 15.30
C26 ETE J . -24.85 -18.36 14.97
C22 ETE K . -7.09 2.70 4.11
OH3 ETE K . -5.86 3.40 4.02
C13 ETE K . -4.70 3.48 1.87
C23 ETE K . -4.94 2.71 3.16
OH4 ETE K . -3.44 3.09 1.32
C14 ETE K . -2.24 2.15 -0.62
C24 ETE K . -3.58 2.55 0.00
OH5 ETE K . -2.21 0.73 -0.84
C15 ETE K . -0.13 1.03 -2.02
C25 ETE K . -0.88 0.23 -0.96
OH6 ETE K . -0.76 0.87 -3.29
OH2 ETE L . -18.70 -1.99 -7.76
C12 ETE L . -17.71 -1.02 -7.35
C22 ETE L . -18.09 -0.41 -6.00
OH3 ETE L . -18.44 0.98 -6.16
C13 ETE L . -20.01 2.51 -5.11
C23 ETE L . -18.78 1.62 -4.92
OH4 ETE L . -21.05 2.15 -4.19
C14 ETE L . -22.63 2.97 -2.53
C24 ETE L . -21.80 3.30 -3.77
OH5 ETE L . -22.18 3.69 -1.37
C15 ETE L . -19.91 4.24 -0.74
C25 ETE L . -20.98 3.15 -0.84
OH6 ETE L . -18.79 3.99 -1.57
C26 ETE L . -18.68 4.97 -2.62
C12 ETE M . -28.57 -10.38 -5.89
C22 ETE M . -28.36 -11.76 -5.26
OH3 ETE M . -28.04 -12.73 -6.25
C13 ETE M . -26.11 -12.62 -7.70
C23 ETE M . -26.64 -13.01 -6.31
OH4 ETE M . -25.24 -11.49 -7.56
C14 ETE M . -23.14 -10.49 -8.16
C24 ETE M . -23.89 -11.80 -7.93
OH5 ETE M . -21.87 -10.74 -8.77
C15 ETE M . -19.70 -9.64 -8.47
C25 ETE M . -21.13 -9.52 -8.99
OH6 ETE M . -18.90 -8.50 -8.86
OH4 ETE N . 25.53 -14.71 -20.47
C14 ETE N . 23.20 -14.04 -20.41
C24 ETE N . 24.19 -15.19 -20.62
OH5 ETE N . 22.87 -13.43 -21.66
C15 ETE N . 21.33 -13.24 -23.52
C25 ETE N . 21.69 -13.98 -22.23
OH5 ETE O . 27.64 -8.11 -24.81
C15 ETE O . 25.35 -8.28 -25.50
C25 ETE O . 26.79 -8.70 -25.78
OH6 ETE O . 24.91 -7.36 -26.50
C14 ETE P . 6.74 13.03 4.74
OH5 ETE P . 6.61 14.12 3.82
C15 ETE P . 8.90 14.47 3.13
C25 ETE P . 7.71 15.03 3.92
OH6 ETE P . 10.13 14.64 3.84
C12 ETE Q . 1.60 9.38 8.75
C22 ETE Q . 0.41 9.76 7.87
OH3 ETE Q . 0.52 11.14 7.52
C13 ETE Q . 2.61 12.33 7.52
C23 ETE Q . 1.70 11.40 6.76
OH4 ETE Q . 3.93 12.26 6.99
C14 ETE Q . 5.77 11.75 8.49
C24 ETE Q . 4.89 12.83 7.88
OH5 ETE Q . 4.96 10.76 9.15
C15 ETE Q . 4.34 9.71 11.23
C25 ETE Q . 4.91 10.96 10.57
C13 ETE R . 1.76 -13.61 4.20
OH4 ETE R . 0.63 -12.67 4.10
C14 ETE R . 0.69 -11.15 2.32
C24 ETE R . 0.98 -11.34 3.80
OH5 ETE R . 0.48 -9.78 1.98
C15 ETE R . 0.49 -10.54 -0.24
C25 ETE R . 1.05 -9.52 0.73
OH6 ETE R . 0.35 -9.92 -1.49
C14 ETE S . -35.42 -1.96 6.64
C24 ETE S . -34.40 -2.74 5.83
OH5 ETE S . -36.47 -2.87 6.95
C15 ETE S . -38.12 -3.61 8.57
C25 ETE S . -36.89 -2.75 8.32
OH6 ETE S . -37.74 -4.90 9.07
C22 ETE T . 25.70 -15.79 2.44
OH3 ETE T . 26.14 -14.80 3.37
C13 ETE T . 24.64 -13.32 4.63
C23 ETE T . 25.41 -13.57 3.33
OH4 ETE T . 25.55 -13.15 5.71
C14 ETE T . 25.58 -14.36 7.81
C24 ETE T . 24.92 -13.25 6.99
OH5 ETE T . 25.69 -13.98 9.18
C15 ETE T . 25.08 -14.59 11.45
C25 ETE T . 25.49 -15.10 10.07
C14 ETE U . 21.16 -17.56 0.73
OH5 ETE U . 21.30 -16.20 0.33
C15 ETE U . 23.05 -14.62 -0.27
C25 ETE U . 22.41 -15.97 -0.56
OH6 ETE U . 23.13 -14.40 1.16
C26 ETE U . 22.81 -13.05 1.53
#